data_9LOI
#
_entry.id   9LOI
#
_cell.length_a   49.642
_cell.length_b   99.609
_cell.length_c   77.660
_cell.angle_alpha   90.00
_cell.angle_beta   107.08
_cell.angle_gamma   90.00
#
_symmetry.space_group_name_H-M   'P 1 21 1'
#
loop_
_entity.id
_entity.type
_entity.pdbx_description
1 polymer 'Aryl hydrocarbon receptor nuclear translocator'
2 polymer 'Endothelial PAS domain-containing protein 1'
3 non-polymer 6-chloranyl-1,1-bis(oxidanylidene)-~{N}-(2-pyrrolidin-1-ylphenyl)-1,2-benzothiazol-3-amine
4 water water
#
loop_
_entity_poly.entity_id
_entity_poly.type
_entity_poly.pdbx_seq_one_letter_code
_entity_poly.pdbx_strand_id
1 'polypeptide(L)'
;MSSADKERLARENHSEIERRRRNKMTAYITELSDMVPTCSALARKPDKLTILRMAVSHMKSLRGTGNTSTDGSYKPSFLT
DQELKHLILEAADGFLFIVSCETGRVVYVSDSVTPVLNQPQSEWFGSTLYDQVHPDDVDKLREQLSTSENALTGRVLDLK
TGTVKKEGQQSSMRMCMGSRRSFICRMRCGTSSVDPVSMNRLSFLRNRCRNGLGSVKEGEPHFVVVHCTGYIKAWPPAGV
SLPDDDPEAGQGSKFCLVAIGRLQVTSSPNCTDMSNICQPTEFISRHNIEGIFTFVDHRCVATVGYQPQELLGKNIVEFC
HPEDQQLLRDSFQQVVKLKGQVLSVMFRFRSKTREWLWMRTSSFTFQNPYSDEIEYIICTNTNV
;
A
2 'polypeptide(L)'
;MADKEKKRSSSELRKEKSRDAARCRRSKETEVFYELAHELPLPHSVSSHLDKASIMRLAISFLRTHKLLSSVCSENESEA
EADQQMDNLYLKALEGFIAVVTQDGDMIFLSENISKFMGLTQVELTGHSIFDFTHPCDHEEIRENLTLKNGSGFGKKSKD
VSTERDFFMRMKCTVTNRGRTVNLKSATWKVLHCTGQVRVYNNCPPHSSLCGSKEPLLSCLIIMCEPIQHPSHMDIPLDS
KTFLSRHSMDMKFTYCDDRILELIGYHPEELLGRSAYEFYHALDSENMTKSHQNLCTKGQVVSGQYRMLAKHGGYVWLET
QGTVIYNPRNLQPQCIMCVNYVLSEIEKNDVVFSMDQTESLEHHHHHH
;
B
#
loop_
_chem_comp.id
_chem_comp.type
_chem_comp.name
_chem_comp.formula
A1EKA non-polymer 6-chloranyl-1,1-bis(oxidanylidene)-~{N}-(2-pyrrolidin-1-ylphenyl)-1,2-benzothiazol-3-amine 'C17 H16 Cl N3 O2 S'
#
# COMPACT_ATOMS: atom_id res chain seq x y z
N ARG A 21 6.67 -8.90 38.86
CA ARG A 21 7.75 -7.93 38.80
C ARG A 21 9.10 -8.66 38.88
N ARG A 22 9.38 -9.22 40.06
CA ARG A 22 10.58 -10.01 40.25
C ARG A 22 10.62 -11.19 39.28
N ASN A 23 9.45 -11.79 39.02
CA ASN A 23 9.38 -12.88 38.05
C ASN A 23 9.75 -12.40 36.65
N LYS A 24 9.30 -11.19 36.28
CA LYS A 24 9.67 -10.65 34.98
C LYS A 24 11.17 -10.41 34.89
N MET A 25 11.79 -9.91 35.97
CA MET A 25 13.23 -9.71 35.94
C MET A 25 13.98 -11.03 35.81
N THR A 26 13.53 -12.06 36.53
CA THR A 26 14.18 -13.37 36.43
C THR A 26 14.04 -13.94 35.03
N ALA A 27 12.83 -13.86 34.45
CA ALA A 27 12.64 -14.32 33.08
C ALA A 27 13.50 -13.54 32.10
N TYR A 28 13.70 -12.25 32.37
CA TYR A 28 14.56 -11.43 31.51
C TYR A 28 16.00 -11.91 31.57
N ILE A 29 16.53 -12.11 32.78
CA ILE A 29 17.91 -12.59 32.90
C ILE A 29 18.06 -13.96 32.24
N THR A 30 17.06 -14.84 32.43
CA THR A 30 17.17 -16.19 31.88
C THR A 30 17.08 -16.18 30.36
N GLU A 31 16.17 -15.40 29.79
CA GLU A 31 16.08 -15.32 28.34
C GLU A 31 17.31 -14.66 27.74
N LEU A 32 17.93 -13.72 28.47
CA LEU A 32 19.26 -13.26 28.08
C LEU A 32 20.23 -14.43 27.99
N SER A 33 20.33 -15.21 29.08
CA SER A 33 21.21 -16.37 29.08
C SER A 33 20.76 -17.45 28.09
N ASP A 34 19.46 -17.47 27.81
CA ASP A 34 18.90 -18.49 26.95
C ASP A 34 19.56 -18.63 25.59
N MET A 35 19.74 -17.50 24.92
CA MET A 35 20.33 -17.51 23.59
C MET A 35 21.84 -17.42 23.55
N VAL A 36 22.52 -17.17 24.68
CA VAL A 36 24.01 -17.01 24.57
C VAL A 36 24.71 -18.26 25.13
N PRO A 37 25.33 -19.14 24.30
CA PRO A 37 25.92 -20.35 24.88
C PRO A 37 27.15 -20.03 25.70
N THR A 38 27.86 -18.95 25.43
CA THR A 38 29.14 -18.61 26.07
C THR A 38 29.01 -18.57 27.58
N CYS A 39 27.90 -18.04 28.06
CA CYS A 39 27.64 -18.04 29.48
C CYS A 39 26.68 -19.19 29.81
N SER A 40 26.22 -19.93 28.82
CA SER A 40 25.31 -21.03 29.11
C SER A 40 25.74 -22.36 28.53
N ARG A 44 27.12 -24.55 35.00
CA ARG A 44 26.48 -23.91 36.14
C ARG A 44 26.23 -22.43 35.88
N LYS A 45 24.98 -22.08 35.66
CA LYS A 45 24.63 -20.71 35.36
C LYS A 45 25.01 -19.86 36.56
N PRO A 46 25.74 -18.78 36.29
CA PRO A 46 26.35 -17.88 37.27
C PRO A 46 25.58 -16.76 37.87
N ASP A 47 26.31 -16.05 38.72
CA ASP A 47 25.76 -14.90 39.43
C ASP A 47 25.24 -13.83 38.49
N LYS A 48 24.11 -13.23 38.86
CA LYS A 48 23.42 -12.27 38.02
C LYS A 48 24.38 -11.21 37.47
N LEU A 49 25.21 -10.65 38.35
CA LEU A 49 26.20 -9.65 37.93
C LEU A 49 27.09 -10.18 36.82
N THR A 50 27.44 -11.47 36.89
CA THR A 50 28.33 -12.04 35.89
C THR A 50 27.63 -12.17 34.54
N ILE A 51 26.33 -12.51 34.52
CA ILE A 51 25.66 -12.54 33.21
C ILE A 51 25.43 -11.13 32.68
N LEU A 52 25.30 -10.14 33.56
CA LEU A 52 25.22 -8.76 33.10
C LEU A 52 26.51 -8.34 32.39
N ARG A 53 27.63 -8.49 33.09
CA ARG A 53 28.92 -8.21 32.46
C ARG A 53 29.19 -9.15 31.28
N MET A 54 28.56 -10.33 31.28
CA MET A 54 28.67 -11.27 30.18
C MET A 54 28.04 -10.73 28.91
N ALA A 55 26.78 -10.30 29.03
CA ALA A 55 26.12 -9.64 27.90
C ALA A 55 26.90 -8.41 27.46
N VAL A 56 27.47 -7.68 28.42
CA VAL A 56 28.31 -6.53 28.06
C VAL A 56 29.46 -6.97 27.16
N SER A 57 30.17 -8.01 27.56
CA SER A 57 31.35 -8.44 26.81
C SER A 57 30.97 -9.04 25.46
N HIS A 58 29.85 -9.78 25.41
CA HIS A 58 29.42 -10.36 24.15
C HIS A 58 28.93 -9.30 23.18
N MET A 59 28.33 -8.22 23.69
CA MET A 59 27.91 -7.14 22.80
C MET A 59 29.10 -6.33 22.33
N LYS A 60 30.13 -6.19 23.18
CA LYS A 60 31.34 -5.49 22.75
C LYS A 60 31.96 -6.13 21.52
N SER A 61 31.85 -7.45 21.38
CA SER A 61 32.31 -8.12 20.17
C SER A 61 31.47 -7.75 18.96
N LEU A 62 30.21 -7.39 19.16
CA LEU A 62 29.34 -7.01 18.07
C LEU A 62 29.07 -5.51 18.06
N LEU A 79 24.57 -1.38 14.87
CA LEU A 79 23.76 -1.77 13.72
C LEU A 79 24.23 -1.13 12.42
N THR A 80 24.92 -1.93 11.60
CA THR A 80 25.55 -1.43 10.39
C THR A 80 24.52 -1.31 9.27
N ASP A 81 24.99 -0.92 8.09
CA ASP A 81 24.12 -0.54 6.98
C ASP A 81 23.71 -1.71 6.10
N GLN A 82 24.52 -2.77 6.02
CA GLN A 82 24.19 -3.87 5.12
C GLN A 82 22.95 -4.64 5.58
N GLU A 83 22.85 -4.87 6.89
CA GLU A 83 21.64 -5.47 7.45
C GLU A 83 20.42 -4.60 7.22
N LEU A 84 20.58 -3.27 7.33
CA LEU A 84 19.46 -2.37 7.05
C LEU A 84 19.06 -2.44 5.59
N LYS A 85 20.05 -2.52 4.70
CA LYS A 85 19.76 -2.68 3.27
C LYS A 85 18.95 -3.94 3.03
N HIS A 86 19.34 -5.06 3.65
CA HIS A 86 18.58 -6.28 3.48
C HIS A 86 17.23 -6.22 4.16
N LEU A 87 17.10 -5.47 5.25
CA LEU A 87 15.80 -5.28 5.88
C LEU A 87 14.85 -4.55 4.94
N ILE A 88 15.33 -3.48 4.30
CA ILE A 88 14.51 -2.75 3.34
C ILE A 88 14.16 -3.65 2.16
N LEU A 89 15.14 -4.37 1.61
CA LEU A 89 14.89 -5.25 0.48
C LEU A 89 13.91 -6.37 0.83
N GLU A 90 13.96 -6.86 2.06
CA GLU A 90 13.00 -7.88 2.50
C GLU A 90 11.61 -7.29 2.62
N ALA A 91 11.50 -6.16 3.32
CA ALA A 91 10.18 -5.65 3.67
C ALA A 91 9.42 -5.18 2.45
N ALA A 92 10.02 -4.32 1.64
CA ALA A 92 9.30 -3.69 0.54
C ALA A 92 9.95 -3.88 -0.82
N ASP A 93 10.99 -4.71 -0.93
CA ASP A 93 11.70 -4.91 -2.20
C ASP A 93 12.15 -3.57 -2.77
N GLY A 94 12.87 -2.80 -1.96
CA GLY A 94 13.30 -1.47 -2.34
C GLY A 94 14.80 -1.34 -2.46
N PHE A 95 15.25 -0.37 -3.25
CA PHE A 95 16.68 -0.13 -3.42
C PHE A 95 16.94 1.37 -3.35
N LEU A 96 18.13 1.73 -2.86
CA LEU A 96 18.54 3.11 -2.74
C LEU A 96 19.26 3.58 -3.99
N PHE A 97 19.07 4.86 -4.32
CA PHE A 97 19.76 5.49 -5.42
C PHE A 97 19.84 6.99 -5.18
N ILE A 98 20.98 7.56 -5.54
CA ILE A 98 21.23 8.99 -5.46
C ILE A 98 21.47 9.47 -6.88
N VAL A 99 20.64 10.41 -7.33
CA VAL A 99 20.77 11.00 -8.66
C VAL A 99 21.05 12.49 -8.53
N SER A 100 21.50 13.10 -9.62
CA SER A 100 21.72 14.54 -9.67
C SER A 100 20.42 15.24 -10.05
N CYS A 101 20.10 16.31 -9.34
CA CYS A 101 18.84 17.00 -9.55
C CYS A 101 18.79 17.72 -10.89
N GLU A 102 19.93 17.95 -11.52
CA GLU A 102 19.98 18.79 -12.72
C GLU A 102 20.06 17.98 -14.00
N THR A 103 21.01 17.05 -14.10
CA THR A 103 21.16 16.24 -15.29
C THR A 103 20.59 14.83 -15.13
N GLY A 104 20.07 14.50 -13.96
CA GLY A 104 19.52 13.18 -13.72
C GLY A 104 20.53 12.04 -13.85
N ARG A 105 21.82 12.33 -13.87
CA ARG A 105 22.81 11.27 -13.93
C ARG A 105 22.90 10.76 -12.51
N VAL A 106 22.79 9.44 -12.36
CA VAL A 106 22.81 8.82 -11.04
C VAL A 106 24.24 8.78 -10.52
N VAL A 107 24.43 9.26 -9.29
CA VAL A 107 25.75 9.24 -8.67
C VAL A 107 25.95 8.01 -7.78
N TYR A 108 24.88 7.30 -7.44
CA TYR A 108 24.99 6.06 -6.66
C TYR A 108 23.78 5.13 -6.71
N VAL A 109 23.98 3.87 -7.06
CA VAL A 109 22.93 2.87 -7.04
C VAL A 109 23.42 1.74 -6.16
N SER A 110 22.57 1.24 -5.28
CA SER A 110 22.96 0.14 -4.42
C SER A 110 22.80 -1.14 -5.19
N ASP A 111 23.46 -2.20 -4.74
CA ASP A 111 23.39 -3.51 -5.43
C ASP A 111 21.93 -3.94 -5.52
N SER A 112 21.14 -3.61 -4.50
CA SER A 112 19.74 -3.99 -4.49
C SER A 112 19.03 -3.72 -5.82
N VAL A 113 19.44 -2.74 -6.63
CA VAL A 113 18.89 -2.59 -7.99
C VAL A 113 18.80 -3.85 -8.84
N THR A 114 19.61 -4.85 -8.54
CA THR A 114 19.65 -6.08 -9.34
C THR A 114 18.49 -7.03 -9.07
N PRO A 115 18.04 -7.22 -7.81
CA PRO A 115 16.89 -8.13 -7.63
C PRO A 115 15.55 -7.48 -7.89
N VAL A 116 15.48 -6.16 -7.76
CA VAL A 116 14.19 -5.50 -7.92
C VAL A 116 13.85 -5.33 -9.40
N LEU A 117 14.86 -5.15 -10.25
CA LEU A 117 14.62 -4.88 -11.66
C LEU A 117 15.36 -5.81 -12.59
N ASN A 118 16.09 -6.80 -12.08
CA ASN A 118 16.90 -7.70 -12.91
C ASN A 118 17.80 -6.89 -13.86
N GLN A 119 18.28 -5.75 -13.38
CA GLN A 119 19.09 -4.84 -14.18
C GLN A 119 20.48 -4.73 -13.57
N PRO A 120 21.53 -4.91 -14.36
CA PRO A 120 22.89 -4.87 -13.80
C PRO A 120 23.22 -3.49 -13.23
N GLN A 121 24.13 -3.49 -12.24
CA GLN A 121 24.60 -2.23 -11.68
C GLN A 121 25.32 -1.39 -12.73
N SER A 122 26.07 -2.05 -13.63
CA SER A 122 26.83 -1.33 -14.64
C SER A 122 25.91 -0.55 -15.57
N GLU A 123 24.72 -1.08 -15.85
CA GLU A 123 23.74 -0.33 -16.62
C GLU A 123 23.38 0.98 -15.93
N TRP A 124 22.84 0.89 -14.72
CA TRP A 124 22.32 2.07 -14.03
C TRP A 124 23.41 3.13 -13.86
N PHE A 125 24.55 2.75 -13.30
CA PHE A 125 25.62 3.71 -13.06
C PHE A 125 26.14 4.28 -14.37
N GLY A 126 26.24 5.61 -14.44
CA GLY A 126 26.71 6.29 -15.63
C GLY A 126 25.62 6.77 -16.56
N SER A 127 24.35 6.63 -16.17
CA SER A 127 23.23 7.03 -17.01
C SER A 127 22.35 7.98 -16.22
N THR A 128 21.30 8.46 -16.88
CA THR A 128 20.31 9.30 -16.23
C THR A 128 19.06 8.49 -15.96
N LEU A 129 18.26 8.97 -15.00
CA LEU A 129 16.99 8.34 -14.70
C LEU A 129 16.03 8.41 -15.88
N TYR A 130 16.13 9.48 -16.69
CA TYR A 130 15.26 9.62 -17.86
C TYR A 130 15.41 8.44 -18.81
N ASP A 131 16.61 7.86 -18.88
CA ASP A 131 16.84 6.69 -19.71
C ASP A 131 16.25 5.43 -19.10
N GLN A 132 16.15 5.35 -17.78
CA GLN A 132 15.63 4.17 -17.10
C GLN A 132 14.15 4.28 -16.77
N VAL A 133 13.47 5.31 -17.27
CA VAL A 133 12.08 5.56 -16.95
C VAL A 133 11.28 5.53 -18.26
N HIS A 134 10.04 5.06 -18.16
CA HIS A 134 9.12 5.08 -19.29
C HIS A 134 9.03 6.46 -19.95
N PRO A 135 9.18 6.54 -21.28
CA PRO A 135 9.18 7.86 -21.93
C PRO A 135 8.01 8.78 -21.62
N ASP A 136 6.83 8.23 -21.34
CA ASP A 136 5.68 9.03 -20.96
C ASP A 136 5.80 9.60 -19.55
N ASP A 137 6.85 9.24 -18.80
CA ASP A 137 7.01 9.67 -17.43
C ASP A 137 8.15 10.66 -17.22
N VAL A 138 8.71 11.23 -18.29
CA VAL A 138 9.87 12.11 -18.10
C VAL A 138 9.45 13.46 -17.53
N ASP A 139 8.32 14.03 -18.00
CA ASP A 139 7.92 15.35 -17.53
C ASP A 139 7.68 15.35 -16.03
N LYS A 140 6.90 14.39 -15.53
CA LYS A 140 6.74 14.22 -14.10
C LYS A 140 8.09 14.14 -13.41
N LEU A 141 9.00 13.34 -13.95
CA LEU A 141 10.37 13.27 -13.44
C LEU A 141 10.98 14.66 -13.36
N ARG A 142 10.86 15.41 -14.46
CA ARG A 142 11.40 16.77 -14.55
C ARG A 142 10.97 17.65 -13.37
N GLU A 143 9.70 17.55 -13.00
CA GLU A 143 9.23 18.35 -11.84
C GLU A 143 9.83 17.78 -10.56
N GLN A 144 9.77 16.46 -10.38
CA GLN A 144 10.25 15.98 -9.09
C GLN A 144 11.72 16.30 -8.87
N LEU A 145 12.49 16.43 -9.95
CA LEU A 145 13.89 16.80 -9.86
C LEU A 145 14.12 18.30 -9.93
N SER A 146 13.05 19.10 -9.91
CA SER A 146 13.18 20.54 -10.02
C SER A 146 13.53 21.15 -8.68
N THR A 147 14.42 22.15 -8.70
CA THR A 147 14.81 22.89 -7.50
C THR A 147 14.21 24.29 -7.48
N SER A 148 13.28 24.59 -8.39
CA SER A 148 12.66 25.91 -8.44
C SER A 148 11.63 26.11 -7.35
N GLU A 149 10.88 25.06 -7.00
CA GLU A 149 9.82 25.17 -6.01
C GLU A 149 10.23 25.00 -4.55
N ASN A 150 10.90 23.90 -4.24
CA ASN A 150 11.46 23.68 -2.90
C ASN A 150 12.32 22.42 -2.87
N GLY A 178 15.92 21.42 1.93
CA GLY A 178 15.87 20.24 2.78
C GLY A 178 14.72 19.29 2.49
N SER A 179 14.02 19.54 1.39
CA SER A 179 12.67 19.03 1.20
C SER A 179 12.65 17.53 0.85
N ARG A 180 11.43 16.98 0.92
CA ARG A 180 11.10 15.57 0.74
C ARG A 180 10.31 15.39 -0.55
N ARG A 181 10.56 14.27 -1.24
CA ARG A 181 9.91 13.91 -2.49
C ARG A 181 9.27 12.54 -2.35
N SER A 182 8.15 12.34 -3.05
CA SER A 182 7.48 11.04 -3.10
C SER A 182 6.63 10.99 -4.36
N PHE A 183 6.91 10.03 -5.23
CA PHE A 183 6.22 9.94 -6.50
C PHE A 183 6.20 8.50 -6.97
N ILE A 184 5.55 8.28 -8.10
CA ILE A 184 5.45 6.97 -8.73
C ILE A 184 5.90 7.10 -10.18
N CYS A 185 6.58 6.08 -10.68
CA CYS A 185 6.92 6.07 -12.10
C CYS A 185 7.05 4.63 -12.54
N ARG A 186 7.40 4.45 -13.81
CA ARG A 186 7.60 3.13 -14.38
C ARG A 186 9.02 3.04 -14.88
N MET A 187 9.76 2.08 -14.35
CA MET A 187 11.15 1.89 -14.72
C MET A 187 11.29 0.56 -15.44
N ARG A 188 12.15 0.51 -16.46
CA ARG A 188 12.30 -0.71 -17.23
C ARG A 188 13.17 -1.71 -16.48
N CYS A 189 12.81 -2.97 -16.58
CA CYS A 189 13.52 -4.05 -15.90
C CYS A 189 14.24 -4.94 -16.92
N GLY A 190 15.09 -5.81 -16.40
CA GLY A 190 15.88 -6.71 -17.23
C GLY A 190 15.04 -7.73 -17.98
N GLU A 220 10.71 -4.36 -27.88
CA GLU A 220 9.98 -5.15 -26.89
C GLU A 220 10.51 -4.92 -25.47
N PRO A 221 10.08 -3.82 -24.84
CA PRO A 221 10.52 -3.55 -23.46
C PRO A 221 9.43 -3.83 -22.43
N HIS A 222 9.82 -3.87 -21.15
CA HIS A 222 8.86 -4.09 -20.07
C HIS A 222 9.14 -3.12 -18.93
N PHE A 223 8.08 -2.57 -18.36
CA PHE A 223 8.17 -1.57 -17.32
C PHE A 223 7.44 -2.03 -16.07
N VAL A 224 8.03 -1.75 -14.91
CA VAL A 224 7.41 -2.04 -13.62
C VAL A 224 7.12 -0.72 -12.92
N VAL A 225 6.01 -0.67 -12.19
CA VAL A 225 5.66 0.49 -11.38
C VAL A 225 6.54 0.51 -10.14
N VAL A 226 7.14 1.66 -9.86
CA VAL A 226 8.05 1.86 -8.75
C VAL A 226 7.63 3.10 -7.97
N HIS A 227 7.47 2.94 -6.65
CA HIS A 227 7.22 4.06 -5.75
C HIS A 227 8.57 4.56 -5.25
N CYS A 228 8.85 5.84 -5.47
CA CYS A 228 10.10 6.44 -5.05
C CYS A 228 9.82 7.43 -3.93
N THR A 229 10.48 7.25 -2.78
CA THR A 229 10.44 8.19 -1.69
C THR A 229 11.86 8.63 -1.38
N GLY A 230 12.06 9.93 -1.18
CA GLY A 230 13.40 10.41 -0.89
C GLY A 230 13.38 11.89 -0.60
N TYR A 231 14.57 12.43 -0.36
CA TYR A 231 14.74 13.87 -0.09
C TYR A 231 15.84 14.46 -0.96
N ILE A 232 16.08 15.77 -0.82
CA ILE A 232 17.18 16.36 -1.57
C ILE A 232 18.35 16.61 -0.64
N LYS A 233 19.55 16.56 -1.21
CA LYS A 233 20.81 16.65 -0.48
C LYS A 233 21.80 17.43 -1.32
N ALA A 234 22.51 18.36 -0.69
CA ALA A 234 23.42 19.23 -1.43
C ALA A 234 24.54 18.44 -2.10
N TRP A 235 25.13 17.49 -1.37
CA TRP A 235 26.26 16.70 -1.85
C TRP A 235 27.36 17.58 -2.44
N PHE A 255 23.08 19.90 -6.37
CA PHE A 255 21.92 19.34 -5.69
C PHE A 255 21.59 17.95 -6.19
N CYS A 256 21.14 17.10 -5.28
CA CYS A 256 20.96 15.67 -5.52
C CYS A 256 19.67 15.21 -4.89
N LEU A 257 19.15 14.08 -5.37
CA LEU A 257 18.00 13.40 -4.79
C LEU A 257 18.44 12.04 -4.27
N VAL A 258 18.31 11.86 -2.96
CA VAL A 258 18.47 10.55 -2.31
C VAL A 258 17.11 9.90 -2.27
N ALA A 259 17.01 8.64 -2.70
CA ALA A 259 15.70 8.03 -2.75
C ALA A 259 15.81 6.53 -2.59
N ILE A 260 14.69 5.94 -2.19
CA ILE A 260 14.47 4.50 -2.24
C ILE A 260 13.31 4.28 -3.18
N GLY A 261 13.54 3.48 -4.23
CA GLY A 261 12.50 3.06 -5.14
C GLY A 261 12.15 1.61 -4.85
N ARG A 262 10.85 1.36 -4.71
CA ARG A 262 10.37 0.05 -4.27
C ARG A 262 9.24 -0.44 -5.17
N LEU A 263 9.23 -1.77 -5.35
CA LEU A 263 8.19 -2.49 -6.06
C LEU A 263 7.20 -2.99 -5.03
N GLN A 264 5.97 -2.46 -5.04
CA GLN A 264 4.98 -2.97 -4.09
C GLN A 264 4.42 -4.32 -4.54
N VAL A 265 3.86 -4.36 -5.76
CA VAL A 265 3.44 -5.58 -6.43
C VAL A 265 2.53 -6.40 -5.51
N THR A 266 1.60 -5.74 -4.85
CA THR A 266 0.61 -6.43 -4.02
C THR A 266 -0.73 -5.72 -4.14
N PRO A 280 -10.66 -16.11 -26.14
CA PRO A 280 -11.38 -16.16 -24.87
C PRO A 280 -12.71 -16.88 -24.99
N THR A 281 -13.32 -17.20 -23.85
CA THR A 281 -14.59 -17.91 -23.84
C THR A 281 -15.66 -17.16 -23.04
N GLU A 282 -15.39 -15.93 -22.62
CA GLU A 282 -16.34 -15.19 -21.79
C GLU A 282 -16.00 -13.72 -21.82
N PHE A 283 -16.96 -12.90 -21.39
CA PHE A 283 -16.73 -11.48 -21.20
C PHE A 283 -17.68 -10.99 -20.11
N ILE A 284 -17.22 -10.04 -19.31
CA ILE A 284 -18.00 -9.51 -18.21
C ILE A 284 -18.68 -8.23 -18.65
N SER A 285 -19.79 -7.92 -18.00
CA SER A 285 -20.58 -6.75 -18.35
C SER A 285 -21.25 -6.24 -17.10
N ARG A 286 -21.54 -4.94 -17.10
CA ARG A 286 -22.36 -4.33 -16.08
C ARG A 286 -23.67 -3.88 -16.70
N HIS A 287 -24.74 -4.00 -15.92
CA HIS A 287 -26.07 -3.63 -16.39
C HIS A 287 -26.78 -2.82 -15.32
N ASN A 288 -27.66 -1.94 -15.76
CA ASN A 288 -28.68 -1.44 -14.86
C ASN A 288 -29.65 -2.58 -14.53
N ILE A 289 -30.46 -2.38 -13.50
CA ILE A 289 -31.39 -3.43 -13.09
C ILE A 289 -32.42 -3.74 -14.18
N GLU A 290 -32.52 -2.89 -15.22
CA GLU A 290 -33.41 -3.14 -16.35
C GLU A 290 -32.82 -4.16 -17.33
N GLY A 291 -31.51 -4.17 -17.48
CA GLY A 291 -30.87 -5.11 -18.38
C GLY A 291 -30.08 -4.44 -19.47
N ILE A 292 -29.96 -3.12 -19.39
CA ILE A 292 -29.22 -2.36 -20.38
C ILE A 292 -27.73 -2.49 -20.09
N PHE A 293 -26.93 -2.73 -21.13
CA PHE A 293 -25.49 -2.73 -21.00
C PHE A 293 -25.05 -1.32 -20.61
N THR A 294 -24.47 -1.17 -19.43
CA THR A 294 -23.87 0.11 -19.06
C THR A 294 -22.35 -0.01 -19.07
N PHE A 295 -21.83 -1.23 -19.09
CA PHE A 295 -20.41 -1.50 -19.22
C PHE A 295 -20.23 -2.86 -19.86
N VAL A 296 -19.26 -2.96 -20.77
CA VAL A 296 -18.93 -4.22 -21.42
C VAL A 296 -17.45 -4.19 -21.76
N ASP A 297 -16.74 -5.27 -21.43
CA ASP A 297 -15.32 -5.38 -21.68
C ASP A 297 -15.04 -5.81 -23.11
N HIS A 298 -13.82 -5.60 -23.56
CA HIS A 298 -13.49 -5.78 -24.98
C HIS A 298 -13.66 -7.21 -25.45
N ARG A 299 -13.55 -8.19 -24.55
CA ARG A 299 -13.65 -9.59 -24.93
C ARG A 299 -14.93 -9.91 -25.68
N CYS A 300 -15.97 -9.08 -25.52
CA CYS A 300 -17.20 -9.24 -26.29
C CYS A 300 -16.94 -9.44 -27.78
N VAL A 301 -16.01 -8.66 -28.35
CA VAL A 301 -15.78 -8.71 -29.80
C VAL A 301 -15.36 -10.10 -30.25
N ALA A 302 -14.76 -10.88 -29.36
CA ALA A 302 -14.37 -12.25 -29.71
C ALA A 302 -15.46 -13.26 -29.43
N THR A 303 -16.29 -13.03 -28.40
CA THR A 303 -17.30 -14.01 -28.01
C THR A 303 -18.58 -13.87 -28.83
N VAL A 304 -19.07 -12.65 -28.98
CA VAL A 304 -20.32 -12.39 -29.68
C VAL A 304 -20.13 -11.72 -31.04
N GLY A 305 -18.97 -11.12 -31.30
CA GLY A 305 -18.69 -10.52 -32.57
C GLY A 305 -19.05 -9.05 -32.71
N TYR A 306 -19.64 -8.46 -31.67
CA TYR A 306 -19.98 -7.03 -31.71
C TYR A 306 -18.85 -6.21 -31.14
N GLN A 307 -18.65 -5.03 -31.72
CA GLN A 307 -17.86 -4.02 -31.05
C GLN A 307 -18.63 -3.50 -29.83
N PRO A 308 -17.92 -3.11 -28.75
CA PRO A 308 -18.63 -2.71 -27.52
C PRO A 308 -19.71 -1.66 -27.72
N GLN A 309 -19.58 -0.85 -28.74
CA GLN A 309 -20.55 0.21 -28.94
C GLN A 309 -21.92 -0.27 -29.37
N GLU A 310 -21.98 -1.40 -30.04
CA GLU A 310 -23.26 -1.95 -30.47
C GLU A 310 -24.02 -2.65 -29.36
N LEU A 311 -23.38 -2.90 -28.22
CA LEU A 311 -24.06 -3.48 -27.07
C LEU A 311 -24.49 -2.44 -26.05
N LEU A 312 -23.66 -1.42 -25.79
CA LEU A 312 -24.00 -0.43 -24.80
C LEU A 312 -25.29 0.28 -25.15
N GLY A 313 -26.06 0.64 -24.12
CA GLY A 313 -27.31 1.34 -24.27
C GLY A 313 -28.47 0.46 -24.69
N LYS A 314 -28.23 -0.81 -24.96
CA LYS A 314 -29.28 -1.74 -25.37
C LYS A 314 -29.48 -2.79 -24.28
N ASN A 315 -30.74 -3.19 -24.12
CA ASN A 315 -31.06 -4.24 -23.16
C ASN A 315 -30.54 -5.58 -23.64
N ILE A 316 -30.15 -6.44 -22.69
CA ILE A 316 -29.62 -7.74 -23.07
C ILE A 316 -30.71 -8.60 -23.67
N VAL A 317 -31.96 -8.42 -23.24
CA VAL A 317 -33.07 -9.18 -23.81
C VAL A 317 -33.35 -8.81 -25.26
N GLU A 318 -32.73 -7.73 -25.75
CA GLU A 318 -32.80 -7.41 -27.17
C GLU A 318 -31.99 -8.39 -28.00
N PHE A 319 -30.92 -8.96 -27.43
CA PHE A 319 -30.06 -9.89 -28.15
C PHE A 319 -30.41 -11.34 -27.92
N CYS A 320 -31.47 -11.62 -27.16
CA CYS A 320 -31.86 -12.97 -26.80
C CYS A 320 -32.92 -13.50 -27.75
N HIS A 321 -32.86 -14.79 -28.00
CA HIS A 321 -33.92 -15.46 -28.75
C HIS A 321 -35.24 -15.23 -28.05
N PRO A 322 -36.30 -14.82 -28.76
CA PRO A 322 -37.58 -14.55 -28.10
C PRO A 322 -38.09 -15.72 -27.26
N GLU A 323 -37.94 -16.95 -27.78
CA GLU A 323 -38.35 -18.13 -27.05
C GLU A 323 -37.70 -18.19 -25.67
N ASP A 324 -36.50 -17.64 -25.53
CA ASP A 324 -35.79 -17.63 -24.26
C ASP A 324 -35.97 -16.33 -23.47
N GLN A 325 -36.52 -15.29 -24.09
CA GLN A 325 -36.48 -13.97 -23.50
C GLN A 325 -37.05 -13.96 -22.09
N GLN A 326 -38.26 -14.49 -21.92
CA GLN A 326 -38.89 -14.55 -20.61
C GLN A 326 -37.93 -15.08 -19.56
N LEU A 327 -37.30 -16.22 -19.85
CA LEU A 327 -36.34 -16.82 -18.90
C LEU A 327 -35.33 -15.78 -18.44
N LEU A 328 -34.65 -15.14 -19.41
CA LEU A 328 -33.70 -14.08 -19.10
C LEU A 328 -34.31 -13.07 -18.14
N ARG A 329 -35.47 -12.53 -18.50
CA ARG A 329 -36.10 -11.51 -17.67
C ARG A 329 -36.30 -12.02 -16.24
N ASP A 330 -36.79 -13.26 -16.12
CA ASP A 330 -36.99 -13.84 -14.79
C ASP A 330 -35.71 -13.78 -13.99
N SER A 331 -34.60 -14.22 -14.59
CA SER A 331 -33.34 -14.23 -13.87
C SER A 331 -33.00 -12.85 -13.33
N PHE A 332 -33.24 -11.81 -14.14
CA PHE A 332 -32.95 -10.46 -13.68
C PHE A 332 -33.79 -10.12 -12.46
N GLN A 333 -35.11 -10.37 -12.54
CA GLN A 333 -35.96 -10.17 -11.37
C GLN A 333 -35.43 -10.94 -10.18
N GLN A 334 -34.83 -12.11 -10.40
CA GLN A 334 -34.34 -12.92 -9.30
C GLN A 334 -33.03 -12.40 -8.73
N VAL A 335 -32.19 -11.75 -9.54
CA VAL A 335 -30.94 -11.28 -8.95
C VAL A 335 -31.20 -10.08 -8.06
N VAL A 336 -32.25 -9.31 -8.33
CA VAL A 336 -32.53 -8.14 -7.51
C VAL A 336 -33.26 -8.55 -6.24
N LYS A 337 -34.24 -9.45 -6.34
CA LYS A 337 -34.87 -9.98 -5.14
C LYS A 337 -33.85 -10.64 -4.23
N LEU A 338 -33.03 -11.53 -4.78
CA LEU A 338 -31.98 -12.21 -4.02
C LEU A 338 -30.69 -11.44 -4.22
N LYS A 339 -30.55 -10.33 -3.49
CA LYS A 339 -29.36 -9.50 -3.62
C LYS A 339 -28.13 -10.28 -3.19
N GLY A 340 -26.99 -9.93 -3.80
CA GLY A 340 -25.72 -10.52 -3.41
C GLY A 340 -25.52 -11.91 -3.97
N GLN A 341 -26.53 -12.77 -3.81
CA GLN A 341 -26.46 -14.11 -4.36
C GLN A 341 -26.26 -14.05 -5.87
N VAL A 342 -25.38 -14.91 -6.38
CA VAL A 342 -25.18 -15.03 -7.81
C VAL A 342 -26.23 -16.00 -8.37
N LEU A 343 -26.87 -15.59 -9.45
CA LEU A 343 -27.86 -16.35 -10.17
C LEU A 343 -27.30 -16.73 -11.54
N SER A 344 -28.09 -17.50 -12.28
CA SER A 344 -27.55 -18.17 -13.47
C SER A 344 -28.67 -18.44 -14.46
N VAL A 345 -28.38 -18.18 -15.74
CA VAL A 345 -29.38 -18.34 -16.79
C VAL A 345 -28.66 -18.73 -18.07
N MET A 346 -29.31 -19.56 -18.89
CA MET A 346 -28.74 -19.92 -20.18
C MET A 346 -29.72 -19.61 -21.29
N PHE A 347 -29.23 -18.98 -22.34
CA PHE A 347 -30.09 -18.45 -23.40
C PHE A 347 -29.31 -18.38 -24.70
N ARG A 348 -30.04 -18.20 -25.80
CA ARG A 348 -29.44 -18.04 -27.12
C ARG A 348 -29.23 -16.56 -27.41
N PHE A 349 -27.96 -16.16 -27.52
CA PHE A 349 -27.56 -14.79 -27.81
C PHE A 349 -27.36 -14.64 -29.31
N ARG A 350 -27.83 -13.52 -29.86
CA ARG A 350 -27.64 -13.24 -31.27
C ARG A 350 -26.28 -12.57 -31.47
N SER A 351 -25.52 -13.05 -32.45
CA SER A 351 -24.21 -12.52 -32.75
C SER A 351 -24.30 -11.53 -33.91
N LYS A 352 -23.20 -10.80 -34.13
CA LYS A 352 -23.14 -9.91 -35.28
C LYS A 352 -23.36 -10.67 -36.58
N THR A 353 -22.94 -11.93 -36.63
CA THR A 353 -23.21 -12.80 -37.76
C THR A 353 -24.60 -13.42 -37.71
N ARG A 354 -25.45 -12.96 -36.78
CA ARG A 354 -26.85 -13.36 -36.67
C ARG A 354 -27.01 -14.84 -36.31
N GLU A 355 -25.96 -15.48 -35.83
CA GLU A 355 -26.06 -16.85 -35.39
C GLU A 355 -26.50 -16.91 -33.94
N TRP A 356 -27.41 -17.82 -33.63
CA TRP A 356 -27.84 -18.06 -32.25
C TRP A 356 -26.75 -18.86 -31.55
N LEU A 357 -26.04 -18.23 -30.62
CA LEU A 357 -25.00 -18.88 -29.82
C LEU A 357 -25.52 -19.10 -28.41
N TRP A 358 -25.53 -20.36 -27.97
CA TRP A 358 -25.91 -20.65 -26.60
C TRP A 358 -24.90 -20.04 -25.64
N MET A 359 -25.41 -19.45 -24.57
CA MET A 359 -24.55 -18.74 -23.63
C MET A 359 -25.10 -18.84 -22.23
N ARG A 360 -24.19 -18.96 -21.28
CA ARG A 360 -24.50 -18.99 -19.86
C ARG A 360 -24.07 -17.68 -19.23
N THR A 361 -24.98 -17.05 -18.51
CA THR A 361 -24.73 -15.78 -17.85
C THR A 361 -24.95 -15.96 -16.36
N SER A 362 -23.90 -15.71 -15.58
CA SER A 362 -23.97 -15.71 -14.13
C SER A 362 -23.97 -14.27 -13.65
N SER A 363 -25.06 -13.87 -13.00
CA SER A 363 -25.30 -12.47 -12.68
C SER A 363 -25.53 -12.30 -11.19
N PHE A 364 -24.93 -11.26 -10.62
CA PHE A 364 -25.20 -10.88 -9.25
C PHE A 364 -25.23 -9.36 -9.16
N THR A 365 -26.05 -8.85 -8.25
CA THR A 365 -26.07 -7.42 -8.00
C THR A 365 -24.93 -7.03 -7.06
N PHE A 366 -24.35 -5.86 -7.31
CA PHE A 366 -23.28 -5.32 -6.49
C PHE A 366 -23.81 -4.13 -5.70
N GLN A 367 -23.49 -4.08 -4.41
CA GLN A 367 -24.01 -3.07 -3.52
C GLN A 367 -22.88 -2.19 -3.00
N ASN A 368 -23.17 -0.91 -2.83
CA ASN A 368 -22.23 0.04 -2.27
C ASN A 368 -21.91 -0.36 -0.83
N PRO A 369 -20.65 -0.69 -0.51
CA PRO A 369 -20.34 -1.19 0.84
C PRO A 369 -20.70 -0.25 1.98
N TYR A 370 -20.98 1.02 1.69
CA TYR A 370 -21.36 1.96 2.75
C TYR A 370 -22.88 2.06 2.89
N SER A 371 -23.56 2.42 1.81
CA SER A 371 -25.00 2.66 1.86
C SER A 371 -25.83 1.45 1.47
N ASP A 372 -25.21 0.36 1.02
CA ASP A 372 -25.87 -0.84 0.51
C ASP A 372 -26.70 -0.57 -0.74
N GLU A 373 -26.56 0.60 -1.37
CA GLU A 373 -27.26 0.89 -2.61
C GLU A 373 -26.75 0.00 -3.74
N ILE A 374 -27.68 -0.53 -4.53
CA ILE A 374 -27.30 -1.36 -5.68
C ILE A 374 -26.67 -0.46 -6.73
N GLU A 375 -25.36 -0.62 -6.95
CA GLU A 375 -24.67 0.18 -7.95
C GLU A 375 -25.02 -0.29 -9.36
N TYR A 376 -24.95 -1.60 -9.59
CA TYR A 376 -25.30 -2.23 -10.85
C TYR A 376 -25.35 -3.72 -10.69
N ILE A 377 -25.62 -4.43 -11.78
CA ILE A 377 -25.58 -5.88 -11.82
C ILE A 377 -24.42 -6.35 -12.68
N ILE A 378 -23.58 -7.22 -12.12
CA ILE A 378 -22.43 -7.77 -12.83
C ILE A 378 -22.82 -9.11 -13.43
N CYS A 379 -22.61 -9.25 -14.73
CA CYS A 379 -22.83 -10.51 -15.43
C CYS A 379 -21.53 -10.95 -16.09
N THR A 380 -21.33 -12.26 -16.15
CA THR A 380 -20.21 -12.85 -16.88
C THR A 380 -20.82 -13.75 -17.94
N ASN A 381 -20.86 -13.26 -19.17
CA ASN A 381 -21.48 -14.00 -20.26
C ASN A 381 -20.44 -14.91 -20.89
N THR A 382 -20.69 -16.22 -20.80
CA THR A 382 -19.72 -17.25 -21.14
C THR A 382 -20.28 -18.13 -22.24
N ASN A 383 -19.56 -18.20 -23.36
CA ASN A 383 -19.94 -19.08 -24.46
C ASN A 383 -20.02 -20.53 -23.97
N VAL A 384 -21.10 -21.21 -24.34
CA VAL A 384 -21.27 -22.61 -23.98
C VAL A 384 -21.59 -23.44 -25.21
N SER B 27 26.02 -2.29 46.02
CA SER B 27 26.35 -3.02 44.80
C SER B 27 26.50 -2.07 43.63
N LYS B 28 27.40 -2.43 42.72
CA LYS B 28 27.65 -1.67 41.50
C LYS B 28 26.91 -2.25 40.30
N GLU B 29 25.91 -3.10 40.54
CA GLU B 29 25.07 -3.59 39.44
C GLU B 29 24.46 -2.43 38.67
N THR B 30 24.21 -1.29 39.35
CA THR B 30 23.74 -0.10 38.67
C THR B 30 24.73 0.35 37.60
N GLU B 31 26.02 0.34 37.92
CA GLU B 31 27.01 0.74 36.93
C GLU B 31 27.23 -0.34 35.88
N VAL B 32 26.99 -1.61 36.23
CA VAL B 32 27.01 -2.65 35.19
C VAL B 32 25.90 -2.42 34.18
N PHE B 33 24.72 -2.02 34.67
CA PHE B 33 23.64 -1.62 33.76
C PHE B 33 24.01 -0.39 32.96
N TYR B 34 24.70 0.56 33.59
CA TYR B 34 25.18 1.75 32.88
C TYR B 34 26.03 1.34 31.68
N GLU B 35 27.01 0.46 31.91
CA GLU B 35 27.88 0.03 30.80
C GLU B 35 27.13 -0.83 29.80
N LEU B 36 26.14 -1.60 30.26
CA LEU B 36 25.28 -2.35 29.35
C LEU B 36 24.55 -1.42 28.39
N ALA B 37 23.96 -0.35 28.93
CA ALA B 37 23.24 0.62 28.11
C ALA B 37 24.19 1.38 27.18
N HIS B 38 25.38 1.72 27.67
CA HIS B 38 26.37 2.36 26.80
C HIS B 38 26.74 1.44 25.65
N GLU B 39 26.90 0.15 25.92
CA GLU B 39 27.23 -0.79 24.85
C GLU B 39 26.04 -1.05 23.94
N LEU B 40 24.83 -0.91 24.46
CA LEU B 40 23.65 -0.95 23.60
C LEU B 40 23.77 0.09 22.49
N PRO B 41 23.26 -0.21 21.31
CA PRO B 41 23.50 0.65 20.15
C PRO B 41 22.48 1.76 19.98
N LEU B 42 22.76 2.91 20.60
CA LEU B 42 21.88 4.07 20.66
C LEU B 42 22.66 5.20 21.34
N PRO B 43 22.14 6.43 21.36
CA PRO B 43 22.90 7.53 21.99
C PRO B 43 22.99 7.31 23.50
N HIS B 44 24.04 7.91 24.08
CA HIS B 44 24.24 7.79 25.52
C HIS B 44 23.13 8.49 26.30
N SER B 45 22.63 9.62 25.76
CA SER B 45 21.60 10.39 26.44
C SER B 45 20.29 9.61 26.55
N VAL B 46 20.04 8.71 25.60
CA VAL B 46 18.84 7.87 25.67
C VAL B 46 19.11 6.63 26.53
N SER B 47 20.33 6.09 26.45
CA SER B 47 20.61 4.80 27.07
C SER B 47 20.71 4.90 28.59
N SER B 48 21.30 5.98 29.09
CA SER B 48 21.52 6.14 30.53
C SER B 48 20.24 6.51 31.28
N HIS B 49 19.29 7.17 30.65
CA HIS B 49 17.97 7.39 31.25
C HIS B 49 17.12 6.17 30.92
N LEU B 50 17.46 5.05 31.57
CA LEU B 50 16.80 3.77 31.31
C LEU B 50 16.75 2.99 32.61
N ASP B 51 15.58 2.43 32.92
CA ASP B 51 15.45 1.58 34.08
C ASP B 51 16.01 0.19 33.77
N LYS B 52 15.97 -0.69 34.76
CA LYS B 52 16.61 -2.00 34.64
C LYS B 52 15.87 -2.88 33.64
N ALA B 53 14.59 -3.14 33.90
CA ALA B 53 13.80 -3.99 33.02
C ALA B 53 13.80 -3.48 31.58
N SER B 54 13.90 -2.16 31.39
CA SER B 54 13.96 -1.62 30.04
C SER B 54 15.27 -2.00 29.35
N ILE B 55 16.39 -1.95 30.08
CA ILE B 55 17.67 -2.37 29.52
C ILE B 55 17.63 -3.86 29.19
N MET B 56 17.07 -4.68 30.08
CA MET B 56 16.93 -6.10 29.80
C MET B 56 16.14 -6.34 28.52
N ARG B 57 14.98 -5.67 28.40
CA ARG B 57 14.16 -5.75 27.19
C ARG B 57 14.97 -5.38 25.95
N LEU B 58 15.63 -4.23 25.97
CA LEU B 58 16.37 -3.75 24.81
C LEU B 58 17.45 -4.74 24.39
N ALA B 59 18.21 -5.26 25.36
CA ALA B 59 19.30 -6.18 25.04
C ALA B 59 18.77 -7.50 24.48
N ILE B 60 17.70 -8.03 25.10
CA ILE B 60 17.12 -9.27 24.62
C ILE B 60 16.65 -9.11 23.18
N SER B 61 15.93 -8.01 22.91
CA SER B 61 15.42 -7.79 21.57
C SER B 61 16.55 -7.60 20.58
N PHE B 62 17.60 -6.88 20.97
CA PHE B 62 18.72 -6.70 20.06
C PHE B 62 19.38 -8.02 19.73
N LEU B 63 19.51 -8.90 20.72
CA LEU B 63 20.10 -10.23 20.47
C LEU B 63 19.23 -11.06 19.53
N ARG B 64 17.91 -11.08 19.77
CA ARG B 64 17.02 -11.86 18.90
C ARG B 64 16.99 -11.29 17.48
N THR B 65 17.02 -9.97 17.37
CA THR B 65 17.09 -9.35 16.05
C THR B 65 18.39 -9.72 15.34
N HIS B 66 19.51 -9.74 16.07
CA HIS B 66 20.78 -10.17 15.50
C HIS B 66 20.70 -11.62 15.03
N LYS B 67 20.00 -12.48 15.77
CA LYS B 67 19.83 -13.87 15.35
C LYS B 67 19.09 -13.94 14.02
N LEU B 68 17.91 -13.34 13.95
CA LEU B 68 17.17 -13.34 12.69
C LEU B 68 17.96 -12.69 11.57
N LEU B 69 18.79 -11.70 11.89
CA LEU B 69 19.56 -11.01 10.86
C LEU B 69 20.68 -11.90 10.32
N SER B 70 21.30 -12.69 11.20
CA SER B 70 22.21 -13.72 10.73
C SER B 70 21.49 -14.68 9.79
N SER B 71 20.24 -15.01 10.10
CA SER B 71 19.49 -15.91 9.21
C SER B 71 19.28 -15.27 7.84
N VAL B 72 18.81 -14.02 7.81
CA VAL B 72 18.39 -13.43 6.54
C VAL B 72 19.58 -12.97 5.70
N CYS B 73 20.68 -12.55 6.33
CA CYS B 73 21.81 -12.01 5.58
C CYS B 73 22.82 -13.07 5.15
N SER B 74 22.64 -14.32 5.55
CA SER B 74 23.54 -15.40 5.14
C SER B 74 22.87 -16.30 4.12
N MET B 86 25.88 4.55 5.37
CA MET B 86 24.70 4.97 4.62
C MET B 86 23.43 4.77 5.45
N ASP B 87 23.58 4.73 6.77
CA ASP B 87 22.44 4.47 7.64
C ASP B 87 21.46 5.64 7.62
N ASN B 88 21.97 6.86 7.78
CA ASN B 88 21.08 8.03 7.81
C ASN B 88 20.42 8.25 6.45
N LEU B 89 21.12 7.94 5.36
CA LEU B 89 20.54 8.06 4.03
C LEU B 89 19.34 7.12 3.87
N TYR B 90 19.54 5.84 4.20
CA TYR B 90 18.47 4.87 4.12
C TYR B 90 17.31 5.24 5.04
N LEU B 91 17.62 5.74 6.24
CA LEU B 91 16.57 5.97 7.23
C LEU B 91 15.73 7.20 6.87
N LYS B 92 16.37 8.34 6.60
CA LYS B 92 15.62 9.57 6.38
C LYS B 92 14.99 9.64 5.00
N ALA B 93 15.43 8.79 4.06
CA ALA B 93 14.79 8.69 2.76
C ALA B 93 13.52 7.86 2.77
N LEU B 94 13.13 7.33 3.92
CA LEU B 94 11.97 6.47 4.04
C LEU B 94 10.69 7.23 4.40
N GLU B 95 9.58 6.81 3.81
CA GLU B 95 8.26 7.33 4.14
C GLU B 95 7.58 6.51 5.22
N GLY B 96 8.34 5.74 6.00
CA GLY B 96 7.77 4.92 7.04
C GLY B 96 8.85 4.35 7.92
N PHE B 97 8.48 3.37 8.74
CA PHE B 97 9.41 2.72 9.64
C PHE B 97 9.36 1.21 9.46
N ILE B 98 10.52 0.56 9.64
CA ILE B 98 10.65 -0.89 9.53
C ILE B 98 10.40 -1.51 10.90
N ALA B 99 9.74 -2.67 10.91
CA ALA B 99 9.47 -3.37 12.15
C ALA B 99 9.51 -4.87 11.89
N VAL B 100 10.24 -5.58 12.75
CA VAL B 100 10.19 -7.03 12.76
C VAL B 100 9.54 -7.46 14.06
N VAL B 101 8.39 -8.11 13.91
CA VAL B 101 7.56 -8.59 15.00
C VAL B 101 7.62 -10.12 14.96
N THR B 102 7.36 -10.74 16.10
CA THR B 102 7.44 -12.19 16.20
C THR B 102 6.05 -12.80 16.16
N GLN B 103 6.00 -14.13 16.24
CA GLN B 103 4.73 -14.84 16.12
C GLN B 103 3.84 -14.57 17.34
N ASP B 104 4.44 -14.42 18.51
CA ASP B 104 3.69 -14.08 19.72
C ASP B 104 3.35 -12.59 19.78
N GLY B 105 3.77 -11.81 18.80
CA GLY B 105 3.45 -10.40 18.74
C GLY B 105 4.49 -9.48 19.33
N ASP B 106 5.69 -9.97 19.63
CA ASP B 106 6.72 -9.14 20.23
C ASP B 106 7.41 -8.32 19.14
N MET B 107 7.49 -7.01 19.34
CA MET B 107 8.14 -6.14 18.38
C MET B 107 9.63 -6.14 18.70
N ILE B 108 10.32 -7.17 18.21
CA ILE B 108 11.71 -7.34 18.63
C ILE B 108 12.60 -6.33 17.95
N PHE B 109 12.14 -5.67 16.89
CA PHE B 109 12.92 -4.53 16.43
C PHE B 109 12.04 -3.52 15.72
N LEU B 110 12.29 -2.25 15.99
CA LEU B 110 11.71 -1.11 15.32
C LEU B 110 12.82 -0.15 14.98
N SER B 111 12.74 0.48 13.80
CA SER B 111 13.76 1.42 13.37
C SER B 111 13.61 2.75 14.10
N GLU B 112 14.67 3.57 14.00
CA GLU B 112 14.72 4.81 14.78
C GLU B 112 13.67 5.82 14.34
N ASN B 113 13.34 5.84 13.05
CA ASN B 113 12.46 6.88 12.51
C ASN B 113 11.02 6.76 12.99
N ILE B 114 10.65 5.68 13.69
CA ILE B 114 9.25 5.47 14.07
C ILE B 114 8.71 6.66 14.85
N SER B 115 9.55 7.28 15.69
CA SER B 115 9.11 8.43 16.47
C SER B 115 8.62 9.52 15.54
N LYS B 116 9.40 9.82 14.51
CA LYS B 116 9.05 10.85 13.52
C LYS B 116 7.64 10.63 12.98
N PHE B 117 7.14 9.41 13.08
CA PHE B 117 5.81 9.13 12.47
C PHE B 117 4.77 8.88 13.56
N MET B 118 5.14 8.25 14.66
CA MET B 118 4.12 7.86 15.67
C MET B 118 4.31 8.62 16.99
N GLY B 119 5.44 9.29 17.17
CA GLY B 119 5.69 9.95 18.46
C GLY B 119 6.28 8.96 19.43
N LEU B 120 5.60 7.84 19.61
CA LEU B 120 6.21 6.81 20.46
C LEU B 120 7.61 6.49 19.96
N THR B 121 8.57 6.37 20.89
CA THR B 121 9.97 6.22 20.43
C THR B 121 10.42 4.77 20.42
N GLN B 122 11.63 4.51 19.91
CA GLN B 122 12.08 3.14 19.78
C GLN B 122 12.20 2.46 21.13
N VAL B 123 12.81 3.13 22.11
CA VAL B 123 13.03 2.52 23.41
C VAL B 123 11.71 2.30 24.14
N GLU B 124 10.71 3.14 23.87
CA GLU B 124 9.43 2.96 24.52
C GLU B 124 8.66 1.76 23.98
N LEU B 125 8.97 1.30 22.77
CA LEU B 125 8.16 0.29 22.13
C LEU B 125 8.84 -1.06 21.97
N THR B 126 10.16 -1.09 21.74
CA THR B 126 10.85 -2.35 21.48
C THR B 126 10.70 -3.30 22.68
N GLY B 127 10.40 -4.57 22.39
CA GLY B 127 10.18 -5.56 23.41
C GLY B 127 8.74 -5.75 23.82
N HIS B 128 7.86 -4.79 23.53
CA HIS B 128 6.46 -4.89 23.90
C HIS B 128 5.67 -5.60 22.81
N SER B 129 4.50 -6.10 23.20
CA SER B 129 3.61 -6.77 22.26
C SER B 129 2.93 -5.76 21.36
N ILE B 130 2.75 -6.13 20.08
CA ILE B 130 2.12 -5.24 19.12
C ILE B 130 0.65 -5.02 19.45
N PHE B 131 0.01 -6.00 20.10
CA PHE B 131 -1.39 -5.86 20.45
C PHE B 131 -1.62 -4.83 21.55
N ASP B 132 -0.59 -4.55 22.34
CA ASP B 132 -0.68 -3.51 23.36
C ASP B 132 -0.56 -2.10 22.79
N PHE B 133 -0.40 -1.96 21.48
CA PHE B 133 -0.24 -0.64 20.88
C PHE B 133 -1.20 -0.40 19.72
N THR B 134 -1.76 -1.45 19.14
CA THR B 134 -2.73 -1.31 18.07
C THR B 134 -4.20 -1.29 18.47
N HIS B 135 -5.02 -0.80 17.57
CA HIS B 135 -6.46 -0.85 17.76
C HIS B 135 -6.90 -2.30 17.94
N PRO B 136 -7.65 -2.62 18.99
CA PRO B 136 -8.13 -4.00 19.17
C PRO B 136 -8.99 -4.50 18.01
N CYS B 137 -9.81 -3.62 17.41
CA CYS B 137 -10.67 -4.02 16.30
C CYS B 137 -9.89 -4.48 15.07
N ASP B 138 -8.58 -4.29 15.04
CA ASP B 138 -7.74 -4.87 14.00
C ASP B 138 -6.99 -6.12 14.42
N HIS B 139 -6.86 -6.37 15.73
CA HIS B 139 -5.94 -7.37 16.25
C HIS B 139 -6.00 -8.68 15.47
N GLU B 140 -7.21 -9.19 15.22
CA GLU B 140 -7.37 -10.49 14.57
C GLU B 140 -6.68 -10.51 13.21
N GLU B 141 -6.93 -9.47 12.41
CA GLU B 141 -6.22 -9.28 11.16
C GLU B 141 -4.71 -9.31 11.35
N ILE B 142 -4.16 -8.53 12.31
CA ILE B 142 -2.72 -8.70 12.58
C ILE B 142 -2.42 -10.16 12.92
N ARG B 143 -3.25 -10.76 13.77
CA ARG B 143 -3.04 -12.16 14.13
C ARG B 143 -2.99 -13.05 12.90
N GLU B 144 -3.74 -12.70 11.84
CA GLU B 144 -3.75 -13.55 10.66
C GLU B 144 -2.66 -13.20 9.66
N ASN B 145 -1.92 -12.11 9.88
CA ASN B 145 -0.76 -11.85 9.03
C ASN B 145 0.54 -12.36 9.64
N LEU B 146 0.58 -12.59 10.94
CA LEU B 146 1.75 -13.19 11.56
C LEU B 146 1.84 -14.68 11.28
N THR B 147 0.71 -15.33 11.02
CA THR B 147 0.66 -16.76 10.81
C THR B 147 1.20 -17.14 9.43
N LEU B 148 1.60 -18.41 9.31
CA LEU B 148 2.12 -18.99 8.06
C LEU B 148 3.29 -18.19 7.50
N SER B 162 2.74 -19.01 0.75
CA SER B 162 3.00 -17.62 0.36
C SER B 162 3.39 -16.77 1.56
N THR B 163 4.47 -16.01 1.43
CA THR B 163 5.03 -15.27 2.55
C THR B 163 4.78 -13.78 2.49
N GLU B 164 4.16 -13.27 1.43
CA GLU B 164 4.00 -11.84 1.25
C GLU B 164 2.79 -11.33 2.03
N ARG B 165 2.92 -10.15 2.62
CA ARG B 165 1.90 -9.57 3.48
C ARG B 165 1.69 -8.11 3.08
N ASP B 166 0.42 -7.71 3.02
CA ASP B 166 0.05 -6.33 2.69
C ASP B 166 -1.30 -6.03 3.33
N PHE B 167 -1.32 -5.11 4.30
CA PHE B 167 -2.54 -4.85 5.04
C PHE B 167 -2.51 -3.43 5.61
N PHE B 168 -3.59 -3.06 6.31
CA PHE B 168 -3.70 -1.78 6.99
C PHE B 168 -4.03 -2.03 8.46
N MET B 169 -3.30 -1.39 9.36
CA MET B 169 -3.63 -1.48 10.79
C MET B 169 -3.66 -0.09 11.40
N ARG B 170 -4.13 -0.02 12.64
CA ARG B 170 -4.20 1.23 13.38
C ARG B 170 -3.28 1.12 14.59
N MET B 171 -2.25 1.97 14.63
CA MET B 171 -1.34 2.01 15.76
C MET B 171 -1.55 3.29 16.56
N LYS B 172 -1.23 3.22 17.85
CA LYS B 172 -1.24 4.41 18.70
C LYS B 172 -0.28 5.46 18.15
N CYS B 173 -0.64 6.73 18.32
CA CYS B 173 0.19 7.83 17.85
C CYS B 173 0.06 8.99 18.83
N THR B 174 1.20 9.45 19.34
CA THR B 174 1.23 10.57 20.27
C THR B 174 1.90 11.80 19.67
N VAL B 175 2.20 11.78 18.39
CA VAL B 175 2.73 12.95 17.71
C VAL B 175 1.59 13.66 17.01
N THR B 176 1.68 14.99 16.97
CA THR B 176 0.70 15.83 16.29
C THR B 176 1.36 16.48 15.08
N ASN B 177 0.51 17.05 14.22
CA ASN B 177 0.98 17.65 12.98
C ASN B 177 1.95 18.81 13.22
N ARG B 178 2.00 19.36 14.43
CA ARG B 178 2.94 20.42 14.79
C ARG B 178 4.32 19.96 15.21
N GLY B 179 4.55 18.65 15.30
CA GLY B 179 5.79 18.12 15.84
C GLY B 179 5.77 17.93 17.35
N ARG B 180 4.86 18.60 18.04
CA ARG B 180 4.74 18.44 19.49
C ARG B 180 4.15 17.07 19.82
N THR B 181 4.60 16.50 20.93
CA THR B 181 4.28 15.13 21.30
C THR B 181 3.49 15.05 22.60
N VAL B 182 2.33 14.39 22.56
CA VAL B 182 1.54 14.16 23.76
C VAL B 182 1.87 12.77 24.33
N ASN B 183 1.25 12.41 25.45
CA ASN B 183 1.50 11.12 26.09
C ASN B 183 0.49 10.02 25.84
N LEU B 184 0.80 8.83 26.37
CA LEU B 184 0.07 7.61 26.02
C LEU B 184 -1.42 7.71 26.35
N LYS B 185 -1.78 8.42 27.41
CA LYS B 185 -3.19 8.48 27.80
C LYS B 185 -4.04 9.22 26.78
N SER B 186 -3.44 10.16 26.04
CA SER B 186 -4.14 10.93 25.01
C SER B 186 -3.47 10.54 23.69
N ALA B 187 -4.07 9.58 22.99
CA ALA B 187 -3.44 8.98 21.82
C ALA B 187 -4.43 8.97 20.66
N THR B 188 -3.92 9.27 19.47
CA THR B 188 -4.72 9.25 18.26
C THR B 188 -4.36 8.01 17.45
N TRP B 189 -5.38 7.35 16.90
CA TRP B 189 -5.12 6.21 16.04
C TRP B 189 -4.51 6.68 14.72
N LYS B 190 -3.50 5.97 14.25
CA LYS B 190 -2.85 6.27 12.99
C LYS B 190 -2.87 5.02 12.13
N VAL B 191 -3.49 5.14 10.95
CA VAL B 191 -3.51 4.03 10.00
C VAL B 191 -2.13 3.89 9.38
N LEU B 192 -1.60 2.68 9.42
CA LEU B 192 -0.35 2.33 8.74
C LEU B 192 -0.64 1.29 7.67
N HIS B 193 -0.10 1.52 6.48
CA HIS B 193 -0.05 0.52 5.42
C HIS B 193 1.21 -0.30 5.62
N CYS B 194 1.06 -1.58 5.92
CA CYS B 194 2.17 -2.46 6.22
C CYS B 194 2.37 -3.44 5.07
N THR B 195 3.59 -3.49 4.55
CA THR B 195 3.95 -4.43 3.50
C THR B 195 5.23 -5.14 3.92
N GLY B 196 5.26 -6.46 3.78
CA GLY B 196 6.45 -7.17 4.18
C GLY B 196 6.37 -8.66 3.89
N GLN B 197 7.25 -9.39 4.56
CA GLN B 197 7.36 -10.84 4.42
C GLN B 197 7.41 -11.50 5.79
N VAL B 198 6.71 -12.61 5.94
CA VAL B 198 6.84 -13.47 7.10
C VAL B 198 7.81 -14.59 6.73
N ARG B 199 8.78 -14.85 7.60
CA ARG B 199 9.79 -15.86 7.34
C ARG B 199 10.06 -16.66 8.61
N VAL B 200 10.74 -17.79 8.44
CA VAL B 200 11.04 -18.71 9.52
C VAL B 200 12.53 -18.66 9.81
N TYR B 201 12.87 -18.60 11.10
CA TYR B 201 14.25 -18.70 11.57
C TYR B 201 14.32 -19.76 12.69
N ASN B 202 15.54 -20.02 13.16
CA ASN B 202 15.75 -20.96 14.25
C ASN B 202 16.72 -20.43 15.30
N LEU B 218 10.93 -18.78 16.13
CA LEU B 218 10.49 -19.52 14.96
C LEU B 218 10.12 -18.57 13.82
N SER B 219 8.84 -18.22 13.74
CA SER B 219 8.35 -17.33 12.70
C SER B 219 8.51 -15.87 13.10
N CYS B 220 8.62 -15.01 12.10
CA CYS B 220 8.63 -13.56 12.33
C CYS B 220 8.15 -12.84 11.08
N LEU B 221 7.80 -11.56 11.27
CA LEU B 221 7.20 -10.74 10.23
C LEU B 221 7.99 -9.44 10.09
N ILE B 222 8.61 -9.24 8.94
CA ILE B 222 9.39 -8.04 8.64
C ILE B 222 8.55 -7.17 7.73
N ILE B 223 8.15 -5.99 8.22
CA ILE B 223 7.21 -5.15 7.49
C ILE B 223 7.66 -3.71 7.55
N MET B 224 7.56 -3.03 6.42
CA MET B 224 7.60 -1.59 6.39
C MET B 224 6.19 -1.06 6.62
N CYS B 225 6.08 -0.09 7.51
CA CYS B 225 4.80 0.53 7.83
C CYS B 225 4.88 2.00 7.44
N GLU B 226 4.02 2.40 6.54
CA GLU B 226 4.00 3.76 6.12
C GLU B 226 2.71 4.41 6.47
N PRO B 227 2.79 5.62 6.98
CA PRO B 227 1.57 6.40 7.21
C PRO B 227 1.03 6.96 5.90
N ILE B 228 -0.27 7.23 5.91
CA ILE B 228 -0.96 7.82 4.77
C ILE B 228 -1.16 9.29 5.04
N GLN B 229 -0.52 10.14 4.23
CA GLN B 229 -0.56 11.57 4.48
C GLN B 229 -1.99 12.09 4.53
N HIS B 230 -2.20 13.09 5.38
CA HIS B 230 -3.49 13.74 5.43
C HIS B 230 -3.53 14.85 4.39
N PRO B 231 -4.55 14.87 3.52
CA PRO B 231 -4.52 15.84 2.41
C PRO B 231 -4.48 17.28 2.88
N SER B 232 -5.07 17.58 4.03
CA SER B 232 -4.98 18.94 4.57
C SER B 232 -3.56 19.25 5.01
N HIS B 233 -2.93 18.34 5.75
CA HIS B 233 -1.57 18.53 6.26
C HIS B 233 -0.59 17.91 5.26
N MET B 234 -0.35 18.65 4.18
CA MET B 234 0.54 18.21 3.11
C MET B 234 1.93 18.78 3.34
N ASP B 235 2.94 17.93 3.21
CA ASP B 235 4.33 18.34 3.41
C ASP B 235 5.23 18.01 2.22
N ILE B 236 4.71 17.45 1.13
CA ILE B 236 5.53 17.05 0.00
C ILE B 236 4.98 17.71 -1.26
N PRO B 237 5.81 17.85 -2.30
CA PRO B 237 5.30 18.49 -3.52
C PRO B 237 4.45 17.54 -4.34
N LEU B 238 3.44 18.10 -5.00
CA LEU B 238 2.52 17.34 -5.84
C LEU B 238 2.73 17.79 -7.29
N ASP B 239 2.89 16.82 -8.18
CA ASP B 239 3.33 17.14 -9.53
C ASP B 239 2.17 17.47 -10.44
N SER B 240 2.47 17.60 -11.71
CA SER B 240 1.43 18.01 -12.65
C SER B 240 0.31 16.98 -12.73
N LYS B 241 0.63 15.70 -12.56
CA LYS B 241 -0.35 14.62 -12.76
C LYS B 241 -0.89 13.96 -11.50
N THR B 242 -0.78 14.66 -10.37
CA THR B 242 -1.51 14.33 -9.17
C THR B 242 -2.59 15.37 -8.87
N PHE B 243 -3.81 14.91 -8.60
CA PHE B 243 -4.89 15.86 -8.39
C PHE B 243 -5.82 15.38 -7.29
N LEU B 244 -6.57 16.33 -6.73
CA LEU B 244 -7.43 16.07 -5.59
C LEU B 244 -8.87 15.85 -6.03
N SER B 245 -9.60 15.07 -5.23
CA SER B 245 -10.98 14.76 -5.49
C SER B 245 -11.71 14.63 -4.15
N ARG B 246 -13.00 14.96 -4.14
CA ARG B 246 -13.83 14.91 -2.92
C ARG B 246 -15.08 14.11 -3.14
N HIS B 247 -15.40 13.21 -2.21
CA HIS B 247 -16.52 12.30 -2.35
C HIS B 247 -17.35 12.30 -1.07
N SER B 248 -18.61 11.90 -1.19
CA SER B 248 -19.36 11.50 -0.02
C SER B 248 -18.87 10.12 0.42
N MET B 249 -19.42 9.62 1.52
CA MET B 249 -18.92 8.37 2.07
C MET B 249 -19.34 7.15 1.26
N ASP B 250 -20.27 7.29 0.32
CA ASP B 250 -20.57 6.22 -0.62
C ASP B 250 -19.68 6.25 -1.85
N MET B 251 -18.66 7.13 -1.86
CA MET B 251 -17.70 7.35 -2.94
C MET B 251 -18.32 8.07 -4.14
N LYS B 252 -19.51 8.66 -3.98
CA LYS B 252 -20.09 9.46 -5.05
C LYS B 252 -19.30 10.75 -5.21
N PHE B 253 -18.92 11.05 -6.45
CA PHE B 253 -18.17 12.27 -6.73
C PHE B 253 -18.94 13.50 -6.25
N THR B 254 -18.23 14.43 -5.60
CA THR B 254 -18.82 15.73 -5.28
C THR B 254 -17.88 16.89 -5.48
N TYR B 255 -16.56 16.68 -5.53
CA TYR B 255 -15.66 17.73 -6.00
C TYR B 255 -14.46 17.06 -6.64
N CYS B 256 -13.94 17.70 -7.68
CA CYS B 256 -12.75 17.19 -8.34
C CYS B 256 -11.93 18.35 -8.86
N ASP B 257 -10.62 18.11 -8.96
CA ASP B 257 -9.70 19.15 -9.43
C ASP B 257 -9.81 19.37 -10.93
N ASP B 258 -9.49 20.58 -11.37
CA ASP B 258 -9.55 20.93 -12.79
C ASP B 258 -8.52 20.15 -13.61
N ARG B 259 -7.47 19.62 -12.97
CA ARG B 259 -6.46 18.87 -13.69
C ARG B 259 -7.04 17.62 -14.35
N ILE B 260 -8.20 17.15 -13.91
CA ILE B 260 -8.77 15.95 -14.51
C ILE B 260 -9.18 16.19 -15.95
N LEU B 261 -9.48 17.44 -16.32
CA LEU B 261 -9.81 17.73 -17.71
C LEU B 261 -8.63 17.49 -18.63
N GLU B 262 -7.44 17.87 -18.19
CA GLU B 262 -6.24 17.64 -18.99
C GLU B 262 -5.73 16.21 -18.85
N LEU B 263 -6.00 15.55 -17.73
CA LEU B 263 -5.41 14.25 -17.46
C LEU B 263 -6.27 13.09 -17.94
N ILE B 264 -7.58 13.17 -17.79
CA ILE B 264 -8.45 12.06 -18.17
C ILE B 264 -9.53 12.54 -19.12
N GLY B 265 -9.66 13.86 -19.26
CA GLY B 265 -10.62 14.44 -20.18
C GLY B 265 -11.96 14.79 -19.58
N TYR B 266 -12.23 14.38 -18.34
CA TYR B 266 -13.49 14.72 -17.70
C TYR B 266 -13.49 16.19 -17.30
N HIS B 267 -14.60 16.86 -17.46
CA HIS B 267 -14.69 18.21 -16.94
C HIS B 267 -15.26 18.01 -15.54
N PRO B 268 -14.66 18.64 -14.48
CA PRO B 268 -15.14 18.48 -13.10
C PRO B 268 -16.65 18.46 -12.96
N GLU B 269 -17.34 19.37 -13.66
CA GLU B 269 -18.78 19.55 -13.44
C GLU B 269 -19.56 18.28 -13.71
N GLU B 270 -19.30 17.61 -14.84
CA GLU B 270 -20.14 16.46 -15.20
C GLU B 270 -19.97 15.29 -14.24
N LEU B 271 -18.88 15.24 -13.47
CA LEU B 271 -18.68 14.16 -12.53
C LEU B 271 -19.47 14.36 -11.25
N LEU B 272 -19.74 15.61 -10.87
CA LEU B 272 -20.48 15.91 -9.65
C LEU B 272 -21.76 15.08 -9.57
N GLY B 273 -21.94 14.42 -8.43
CA GLY B 273 -23.11 13.59 -8.22
C GLY B 273 -23.02 12.19 -8.78
N ARG B 274 -21.94 11.86 -9.50
CA ARG B 274 -21.82 10.55 -10.12
C ARG B 274 -21.12 9.56 -9.21
N SER B 275 -21.57 8.31 -9.25
CA SER B 275 -20.95 7.26 -8.46
C SER B 275 -19.63 6.86 -9.08
N ALA B 276 -18.56 6.89 -8.28
CA ALA B 276 -17.27 6.47 -8.80
C ALA B 276 -17.23 4.99 -9.15
N TYR B 277 -18.22 4.20 -8.72
CA TYR B 277 -18.25 2.78 -9.04
C TYR B 277 -18.55 2.52 -10.50
N GLU B 278 -19.09 3.51 -11.21
CA GLU B 278 -19.37 3.40 -12.62
C GLU B 278 -18.18 3.79 -13.50
N PHE B 279 -17.14 4.39 -12.92
CA PHE B 279 -16.08 5.00 -13.71
C PHE B 279 -14.77 4.25 -13.66
N TYR B 280 -14.79 3.04 -13.09
CA TYR B 280 -13.55 2.23 -13.01
C TYR B 280 -13.77 0.94 -13.80
N HIS B 281 -12.70 0.43 -14.40
CA HIS B 281 -12.80 -0.80 -15.16
C HIS B 281 -13.24 -1.94 -14.25
N ALA B 282 -14.20 -2.74 -14.73
CA ALA B 282 -14.78 -3.77 -13.88
C ALA B 282 -13.74 -4.76 -13.39
N LEU B 283 -12.70 -5.01 -14.19
CA LEU B 283 -11.66 -5.96 -13.81
C LEU B 283 -11.03 -5.61 -12.45
N ASP B 284 -11.08 -4.35 -12.03
CA ASP B 284 -10.53 -3.91 -10.76
C ASP B 284 -11.48 -3.90 -9.57
N SER B 285 -12.74 -4.29 -9.79
CA SER B 285 -13.76 -4.13 -8.75
C SER B 285 -13.30 -4.73 -7.42
N GLU B 286 -12.78 -5.96 -7.45
CA GLU B 286 -12.41 -6.64 -6.21
C GLU B 286 -11.48 -5.77 -5.36
N ASN B 287 -10.50 -5.12 -5.98
CA ASN B 287 -9.66 -4.20 -5.23
C ASN B 287 -10.49 -3.06 -4.66
N MET B 288 -11.19 -2.33 -5.53
CA MET B 288 -11.79 -1.06 -5.17
C MET B 288 -12.73 -1.19 -3.97
N THR B 289 -13.69 -2.12 -4.06
CA THR B 289 -14.61 -2.32 -2.94
C THR B 289 -13.85 -2.56 -1.65
N LYS B 290 -12.85 -3.44 -1.68
CA LYS B 290 -12.06 -3.71 -0.48
C LYS B 290 -11.50 -2.41 0.09
N SER B 291 -10.90 -1.59 -0.77
CA SER B 291 -10.38 -0.31 -0.31
C SER B 291 -11.48 0.52 0.34
N HIS B 292 -12.62 0.67 -0.36
CA HIS B 292 -13.77 1.35 0.23
C HIS B 292 -14.04 0.80 1.63
N GLN B 293 -14.11 -0.53 1.75
CA GLN B 293 -14.42 -1.15 3.03
C GLN B 293 -13.38 -0.77 4.08
N ASN B 294 -12.10 -0.88 3.72
CA ASN B 294 -11.04 -0.44 4.63
C ASN B 294 -11.20 1.03 4.96
N LEU B 295 -11.44 1.85 3.93
CA LEU B 295 -11.62 3.28 4.14
C LEU B 295 -12.74 3.55 5.12
N CYS B 296 -13.73 2.66 5.19
CA CYS B 296 -14.85 2.91 6.09
C CYS B 296 -14.69 2.27 7.45
N THR B 297 -13.70 1.39 7.63
CA THR B 297 -13.47 0.77 8.92
C THR B 297 -12.29 1.37 9.67
N LYS B 298 -11.34 1.95 8.93
CA LYS B 298 -10.14 2.53 9.52
C LYS B 298 -9.97 4.02 9.19
N GLY B 299 -10.72 4.55 8.22
CA GLY B 299 -10.69 5.96 7.93
C GLY B 299 -9.64 6.40 6.93
N GLN B 300 -8.74 5.51 6.52
CA GLN B 300 -7.71 5.84 5.55
C GLN B 300 -7.34 4.57 4.79
N VAL B 301 -6.93 4.74 3.54
CA VAL B 301 -6.61 3.60 2.70
C VAL B 301 -5.77 4.07 1.52
N VAL B 302 -4.97 3.16 0.98
CA VAL B 302 -4.33 3.35 -0.31
C VAL B 302 -4.85 2.25 -1.23
N SER B 303 -5.31 2.63 -2.41
CA SER B 303 -5.76 1.67 -3.40
C SER B 303 -4.57 0.98 -4.06
N GLY B 304 -4.86 -0.10 -4.77
CA GLY B 304 -3.90 -0.63 -5.70
C GLY B 304 -3.97 0.11 -7.02
N GLN B 305 -3.08 -0.23 -7.94
CA GLN B 305 -3.16 0.34 -9.28
C GLN B 305 -4.46 -0.10 -9.93
N TYR B 306 -5.20 0.87 -10.46
CA TYR B 306 -6.49 0.52 -11.07
C TYR B 306 -6.72 1.40 -12.29
N ARG B 307 -7.74 1.03 -13.06
CA ARG B 307 -8.07 1.69 -14.31
C ARG B 307 -9.34 2.49 -14.13
N MET B 308 -9.26 3.80 -14.39
CA MET B 308 -10.45 4.63 -14.46
C MET B 308 -10.73 4.92 -15.91
N LEU B 309 -11.95 4.62 -16.36
CA LEU B 309 -12.32 4.85 -17.75
C LEU B 309 -12.16 6.32 -18.10
N ALA B 310 -11.59 6.60 -19.26
CA ALA B 310 -11.35 7.96 -19.72
C ALA B 310 -12.58 8.49 -20.48
N LYS B 311 -12.66 9.80 -20.65
CA LYS B 311 -13.88 10.39 -21.25
C LYS B 311 -14.19 9.86 -22.65
N HIS B 312 -13.26 9.96 -23.58
CA HIS B 312 -13.57 9.62 -24.97
C HIS B 312 -12.76 8.32 -25.05
N GLY B 313 -13.33 7.25 -24.53
CA GLY B 313 -12.88 5.89 -24.73
C GLY B 313 -11.60 5.65 -23.95
N GLY B 314 -11.20 4.39 -23.83
CA GLY B 314 -9.99 4.06 -23.11
C GLY B 314 -10.12 4.28 -21.62
N TYR B 315 -8.96 4.17 -20.96
CA TYR B 315 -8.87 4.37 -19.52
C TYR B 315 -7.50 4.92 -19.19
N VAL B 316 -7.31 5.24 -17.91
CA VAL B 316 -6.03 5.73 -17.42
C VAL B 316 -5.76 5.05 -16.08
N TRP B 317 -4.48 4.83 -15.81
CA TRP B 317 -4.05 4.13 -14.61
C TRP B 317 -3.91 5.10 -13.44
N LEU B 318 -4.44 4.69 -12.29
CA LEU B 318 -4.53 5.56 -11.12
C LEU B 318 -4.14 4.79 -9.87
N GLU B 319 -3.51 5.49 -8.94
CA GLU B 319 -3.42 5.03 -7.55
C GLU B 319 -3.84 6.20 -6.68
N THR B 320 -4.79 5.98 -5.79
CA THR B 320 -5.31 7.07 -4.96
C THR B 320 -5.36 6.68 -3.49
N GLN B 321 -4.98 7.62 -2.64
CA GLN B 321 -5.15 7.51 -1.19
C GLN B 321 -6.44 8.20 -0.77
N GLY B 322 -7.18 7.56 0.10
CA GLY B 322 -8.46 8.09 0.58
C GLY B 322 -8.40 8.26 2.09
N THR B 323 -9.00 9.35 2.57
CA THR B 323 -9.04 9.67 3.98
C THR B 323 -10.44 10.15 4.34
N VAL B 324 -11.04 9.54 5.36
CA VAL B 324 -12.32 10.02 5.87
C VAL B 324 -12.04 11.26 6.72
N ILE B 325 -12.67 12.38 6.37
CA ILE B 325 -12.50 13.62 7.13
C ILE B 325 -13.79 13.94 7.85
N TYR B 326 -13.66 14.43 9.07
CA TYR B 326 -14.81 14.69 9.93
C TYR B 326 -14.99 16.18 10.15
N ASN B 327 -16.23 16.54 10.44
CA ASN B 327 -16.59 17.90 10.85
C ASN B 327 -16.01 18.20 12.23
N PRO B 328 -15.23 19.27 12.38
CA PRO B 328 -14.63 19.53 13.70
C PRO B 328 -15.63 19.93 14.77
N ARG B 329 -16.82 20.39 14.38
CA ARG B 329 -17.79 20.92 15.34
C ARG B 329 -18.74 19.87 15.90
N ASN B 330 -19.22 18.94 15.06
CA ASN B 330 -20.07 17.85 15.54
C ASN B 330 -19.40 16.48 15.45
N LEU B 331 -18.14 16.43 15.02
CA LEU B 331 -17.30 15.23 15.06
C LEU B 331 -17.87 14.08 14.25
N GLN B 332 -18.77 14.34 13.34
CA GLN B 332 -19.28 13.29 12.47
C GLN B 332 -18.45 13.25 11.18
N PRO B 333 -18.35 12.09 10.52
CA PRO B 333 -17.65 12.05 9.23
C PRO B 333 -18.43 12.83 8.18
N GLN B 334 -17.77 13.79 7.55
CA GLN B 334 -18.42 14.62 6.54
C GLN B 334 -18.27 14.04 5.14
N CYS B 335 -17.05 13.68 4.75
CA CYS B 335 -16.79 13.26 3.38
C CYS B 335 -15.38 12.65 3.31
N ILE B 336 -14.99 12.26 2.10
CA ILE B 336 -13.72 11.58 1.83
C ILE B 336 -12.86 12.40 0.88
N MET B 337 -11.60 12.64 1.27
CA MET B 337 -10.62 13.24 0.38
C MET B 337 -9.91 12.14 -0.41
N CYS B 338 -9.41 12.52 -1.58
CA CYS B 338 -8.70 11.59 -2.44
C CYS B 338 -7.55 12.30 -3.14
N VAL B 339 -6.35 11.79 -2.95
CA VAL B 339 -5.18 12.25 -3.67
C VAL B 339 -4.92 11.21 -4.75
N ASN B 340 -5.18 11.57 -6.01
CA ASN B 340 -5.12 10.62 -7.10
C ASN B 340 -3.84 10.84 -7.90
N TYR B 341 -3.09 9.75 -8.09
CA TYR B 341 -1.86 9.75 -8.86
C TYR B 341 -2.14 9.09 -10.21
N VAL B 342 -2.24 9.91 -11.26
CA VAL B 342 -2.31 9.40 -12.62
C VAL B 342 -0.98 8.74 -12.96
N LEU B 343 -1.04 7.48 -13.37
CA LEU B 343 0.16 6.69 -13.59
C LEU B 343 0.46 6.44 -15.06
N SER B 344 -0.32 6.99 -15.97
CA SER B 344 -0.14 6.73 -17.39
C SER B 344 -0.94 7.75 -18.18
N GLU B 345 -0.88 7.63 -19.50
CA GLU B 345 -1.78 8.35 -20.38
C GLU B 345 -2.96 7.44 -20.73
N ILE B 346 -3.89 7.97 -21.51
CA ILE B 346 -5.06 7.20 -21.88
C ILE B 346 -4.62 6.00 -22.71
N GLU B 347 -4.87 4.80 -22.19
CA GLU B 347 -4.56 3.55 -22.88
C GLU B 347 -5.81 2.99 -23.54
N LYS B 348 -5.63 2.42 -24.73
CA LYS B 348 -6.72 1.86 -25.52
C LYS B 348 -7.82 2.90 -25.78
N ASN B 349 -7.39 4.09 -26.22
CA ASN B 349 -8.31 5.22 -26.40
C ASN B 349 -9.36 4.95 -27.48
N ASP B 350 -9.12 3.99 -28.36
CA ASP B 350 -10.10 3.66 -29.38
C ASP B 350 -11.29 2.89 -28.79
N VAL B 351 -11.03 1.98 -27.86
CA VAL B 351 -12.06 1.15 -27.28
C VAL B 351 -12.91 1.97 -26.32
N VAL B 352 -14.22 1.84 -26.42
CA VAL B 352 -15.11 2.36 -25.40
C VAL B 352 -15.57 1.20 -24.53
N PHE B 353 -15.87 1.50 -23.27
CA PHE B 353 -16.26 0.47 -22.33
C PHE B 353 -17.55 0.72 -21.56
N SER B 354 -17.98 1.97 -21.45
CA SER B 354 -19.12 2.34 -20.63
C SER B 354 -20.03 3.24 -21.44
N MET B 355 -21.28 3.34 -20.99
CA MET B 355 -22.24 4.20 -21.66
C MET B 355 -21.83 5.66 -21.62
N ASP B 356 -21.10 6.08 -20.58
CA ASP B 356 -20.70 7.47 -20.46
C ASP B 356 -19.73 7.89 -21.56
N GLN B 357 -19.03 6.94 -22.18
CA GLN B 357 -18.09 7.24 -23.26
C GLN B 357 -18.79 7.33 -24.62
N THR B 358 -19.74 6.42 -24.85
CA THR B 358 -20.44 6.38 -26.15
C THR B 358 -21.28 7.62 -26.27
N GLU B 359 -22.09 7.90 -25.25
CA GLU B 359 -22.91 9.14 -25.25
C GLU B 359 -21.97 10.33 -25.43
N SER B 360 -20.66 10.08 -25.38
CA SER B 360 -19.67 11.17 -25.54
C SER B 360 -18.97 11.01 -26.89
N LEU B 361 -19.65 10.43 -27.87
CA LEU B 361 -19.07 10.31 -29.23
C LEU B 361 -19.98 11.07 -30.20
O2 A1EKA C . -12.18 5.42 -10.87
C3 A1EKA C . -12.08 7.53 -9.27
C4 A1EKA C . -10.72 9.36 -7.73
C5 A1EKA C . -11.21 8.21 -7.14
C6 A1EKA C . -11.90 7.29 -7.92
C7 A1EKA C . -12.53 5.99 -7.58
C8 A1EKA C . -13.13 4.39 -5.80
C10 A1EKA C . -14.90 2.78 -5.93
C12 A1EKA C . -13.41 2.73 -4.06
C13 A1EKA C . -12.71 3.82 -4.57
C15 A1EKA C . -10.32 5.39 -2.29
C1 A1EKA C . -10.91 9.58 -9.08
C11 A1EKA C . -14.50 2.22 -4.73
C14 A1EKA C . -11.58 4.57 -2.49
C16 A1EKA C . -9.44 5.04 -3.47
C17 A1EKA C . -10.41 4.76 -4.60
C2 A1EKA C . -11.59 8.69 -9.87
C9 A1EKA C . -14.23 3.86 -6.46
N1 A1EKA C . -12.42 5.50 -6.34
N2 A1EKA C . -11.63 4.35 -3.92
N3 A1EKA C . -13.16 5.36 -8.54
O1 A1EKA C . -14.27 6.61 -10.45
S1 A1EKA C . -12.98 6.18 -9.95
CL1 A1EKA C . -10.29 11.04 -9.80
#